data_1OAQ
#
_entry.id   1OAQ
#
_cell.length_a   36.541
_cell.length_b   70.743
_cell.length_c   82.121
_cell.angle_alpha   90.00
_cell.angle_beta   90.00
_cell.angle_gamma   90.00
#
_symmetry.space_group_name_H-M   'P 21 21 21'
#
loop_
_entity.id
_entity.type
_entity.pdbx_description
1 polymer 'HEAVY CHAIN'
2 polymer 'LIGHT CHAIN'
3 water water
#
loop_
_entity_poly.entity_id
_entity_poly.type
_entity_poly.pdbx_seq_one_letter_code
_entity_poly.pdbx_strand_id
1 'polypeptide(L)'
;EVQLQQSGAELVKPGASVKLSCKASGYTFTSYWMHWVKQRPGRGLEWIGRIDPNGGGTKYNEKFKSKATLTVDKPSSTAY
MQLSSLTSEDSAVYYCARMWYYGTYYFDYWGQGTTLTVSSA
;
H
2 'polypeptide(L)'
;QAVVTQESALTTSPGETVTLTCRSSTGAVTTSNYANWVQEKPDHLFTGLIGGTNNRAPGVPARFSGSLIGNKAALTITGA
QTEDEAIYFCALWYSNHLVFGGGTKLTVLGQPKSSPSVTL
;
L
#
# COMPACT_ATOMS: atom_id res chain seq x y z
N GLU A 1 -6.14 -5.43 19.86
CA GLU A 1 -5.07 -4.95 18.95
C GLU A 1 -5.35 -5.53 17.56
N VAL A 2 -5.30 -4.68 16.55
CA VAL A 2 -5.47 -5.11 15.17
C VAL A 2 -4.22 -5.86 14.72
N GLN A 3 -4.41 -7.05 14.14
CA GLN A 3 -3.35 -7.81 13.52
C GLN A 3 -3.79 -8.36 12.15
N LEU A 4 -2.87 -8.35 11.20
CA LEU A 4 -3.00 -8.98 9.92
C LEU A 4 -1.82 -9.95 9.81
N GLN A 5 -2.09 -11.23 9.92
CA GLN A 5 -1.07 -12.28 9.99
C GLN A 5 -0.98 -13.00 8.65
N GLN A 6 0.12 -12.80 7.94
CA GLN A 6 0.34 -13.41 6.64
C GLN A 6 1.07 -14.72 6.72
N SER A 7 0.90 -15.49 5.66
CA SER A 7 1.47 -16.83 5.54
C SER A 7 2.97 -16.87 5.20
N GLY A 8 3.53 -18.08 5.20
CA GLY A 8 4.97 -18.24 5.07
C GLY A 8 5.49 -18.14 3.68
N ALA A 9 6.79 -17.86 3.56
CA ALA A 9 7.43 -17.71 2.28
C ALA A 9 7.23 -18.92 1.39
N GLU A 10 7.12 -18.69 0.09
CA GLU A 10 6.92 -19.73 -0.91
C GLU A 10 8.01 -19.71 -1.95
N LEU A 11 8.44 -20.89 -2.40
CA LEU A 11 9.38 -21.04 -3.48
C LEU A 11 8.81 -22.12 -4.37
N VAL A 12 8.43 -21.75 -5.59
CA VAL A 12 7.73 -22.65 -6.50
C VAL A 12 8.27 -22.55 -7.91
N LYS A 13 7.99 -23.58 -8.71
CA LYS A 13 8.44 -23.67 -10.08
C LYS A 13 7.54 -22.85 -11.00
N PRO A 14 8.07 -22.33 -12.11
CA PRO A 14 7.23 -21.68 -13.13
C PRO A 14 6.07 -22.60 -13.53
N GLY A 15 4.88 -22.03 -13.72
CA GLY A 15 3.71 -22.81 -14.10
C GLY A 15 2.82 -23.23 -12.96
N ALA A 16 3.36 -23.20 -11.75
CA ALA A 16 2.60 -23.58 -10.56
C ALA A 16 1.66 -22.45 -10.16
N SER A 17 0.87 -22.73 -9.14
CA SER A 17 0.01 -21.75 -8.48
C SER A 17 0.30 -21.77 -6.99
N VAL A 18 0.05 -20.63 -6.31
CA VAL A 18 0.18 -20.56 -4.85
C VAL A 18 -1.00 -19.78 -4.28
N LYS A 19 -1.32 -20.07 -3.04
CA LYS A 19 -2.37 -19.38 -2.30
C LYS A 19 -1.79 -18.81 -1.03
N LEU A 20 -1.80 -17.48 -0.96
CA LEU A 20 -1.31 -16.76 0.21
C LEU A 20 -2.48 -16.36 1.09
N SER A 21 -2.25 -16.27 2.40
CA SER A 21 -3.30 -15.92 3.33
C SER A 21 -2.94 -14.74 4.20
N CYS A 22 -3.98 -14.13 4.75
CA CYS A 22 -3.91 -12.97 5.60
C CYS A 22 -5.03 -13.04 6.62
N LYS A 23 -4.70 -13.49 7.83
CA LYS A 23 -5.73 -13.66 8.87
C LYS A 23 -5.85 -12.40 9.70
N ALA A 24 -7.05 -11.84 9.74
CA ALA A 24 -7.33 -10.62 10.43
C ALA A 24 -7.85 -10.93 11.82
N SER A 25 -7.43 -10.11 12.78
CA SER A 25 -7.97 -10.20 14.14
C SER A 25 -8.04 -8.82 14.77
N GLY A 26 -8.88 -8.68 15.80
CA GLY A 26 -8.93 -7.44 16.56
C GLY A 26 -9.87 -6.39 16.01
N TYR A 27 -10.69 -6.76 15.03
CA TYR A 27 -11.65 -5.82 14.46
C TYR A 27 -12.75 -6.55 13.70
N THR A 28 -13.78 -5.82 13.30
CA THR A 28 -14.86 -6.38 12.51
C THR A 28 -14.43 -6.59 11.07
N PHE A 29 -14.16 -7.84 10.74
CA PHE A 29 -13.57 -8.22 9.44
C PHE A 29 -14.36 -7.68 8.27
N THR A 30 -15.69 -7.79 8.33
CA THR A 30 -16.56 -7.38 7.23
C THR A 30 -16.72 -5.90 7.05
N SER A 31 -16.16 -5.08 7.95
CA SER A 31 -16.27 -3.63 7.86
C SER A 31 -15.09 -2.96 7.16
N TYR A 32 -14.12 -3.76 6.72
CA TYR A 32 -12.91 -3.19 6.09
C TYR A 32 -12.59 -3.92 4.81
N TRP A 33 -12.43 -3.18 3.73
CA TRP A 33 -11.78 -3.71 2.52
C TRP A 33 -10.44 -4.33 2.84
N MET A 34 -10.07 -5.39 2.11
CA MET A 34 -8.71 -5.92 2.15
C MET A 34 -8.07 -5.71 0.78
N HIS A 35 -6.95 -5.00 0.82
CA HIS A 35 -6.16 -4.71 -0.35
C HIS A 35 -4.96 -5.64 -0.38
N TRP A 36 -4.52 -5.97 -1.57
CA TRP A 36 -3.29 -6.74 -1.80
C TRP A 36 -2.34 -5.97 -2.71
N VAL A 37 -1.07 -6.00 -2.36
CA VAL A 37 -0.03 -5.16 -2.96
C VAL A 37 1.21 -5.98 -3.21
N LYS A 38 1.87 -5.73 -4.36
CA LYS A 38 3.08 -6.42 -4.79
C LYS A 38 4.25 -5.47 -4.68
N GLN A 39 5.28 -5.93 -4.00
CA GLN A 39 6.53 -5.17 -3.84
C GLN A 39 7.70 -5.92 -4.49
N ARG A 40 8.24 -5.33 -5.54
CA ARG A 40 9.44 -5.85 -6.20
C ARG A 40 10.47 -4.74 -6.23
N PRO A 41 11.72 -5.01 -5.89
CA PRO A 41 12.74 -3.94 -5.97
C PRO A 41 12.80 -3.24 -7.32
N GLY A 42 12.84 -1.91 -7.28
CA GLY A 42 12.85 -1.11 -8.48
C GLY A 42 11.48 -0.76 -9.01
N ARG A 43 10.44 -1.41 -8.47
CA ARG A 43 9.06 -1.24 -8.95
C ARG A 43 8.14 -0.79 -7.82
N GLY A 44 8.71 -0.21 -6.75
CA GLY A 44 7.94 0.37 -5.66
C GLY A 44 6.90 -0.59 -5.12
N LEU A 45 5.68 -0.07 -5.00
CA LEU A 45 4.49 -0.87 -4.73
C LEU A 45 3.58 -0.92 -5.94
N GLU A 46 2.98 -2.08 -6.20
CA GLU A 46 2.02 -2.24 -7.29
C GLU A 46 0.70 -2.79 -6.73
N TRP A 47 -0.41 -2.08 -6.94
CA TRP A 47 -1.69 -2.53 -6.43
C TRP A 47 -2.18 -3.72 -7.24
N ILE A 48 -2.60 -4.79 -6.55
CA ILE A 48 -3.16 -5.95 -7.19
C ILE A 48 -4.68 -5.80 -7.31
N GLY A 49 -5.29 -5.44 -6.18
CA GLY A 49 -6.73 -5.27 -6.13
C GLY A 49 -7.20 -5.22 -4.71
N ARG A 50 -8.52 -5.16 -4.55
CA ARG A 50 -9.11 -5.16 -3.22
C ARG A 50 -10.32 -6.06 -3.23
N ILE A 51 -10.71 -6.50 -2.07
CA ILE A 51 -11.93 -7.31 -1.90
C ILE A 51 -12.72 -6.74 -0.72
N ASP A 52 -14.04 -6.78 -0.88
CA ASP A 52 -14.99 -6.44 0.16
C ASP A 52 -15.29 -7.74 0.87
N PRO A 53 -14.86 -7.91 2.12
CA PRO A 53 -15.13 -9.19 2.77
C PRO A 53 -16.61 -9.49 3.01
N ASN A 54 -17.48 -8.49 2.92
CA ASN A 54 -18.92 -8.73 3.03
C ASN A 54 -19.47 -8.98 1.63
N GLY A 55 -19.33 -10.22 1.15
CA GLY A 55 -19.83 -10.62 -0.16
C GLY A 55 -18.72 -10.99 -1.15
N GLY A 56 -17.50 -10.64 -0.80
CA GLY A 56 -16.36 -11.01 -1.62
C GLY A 56 -16.23 -10.32 -2.95
N GLY A 57 -16.87 -9.16 -3.15
CA GLY A 57 -16.76 -8.44 -4.40
C GLY A 57 -15.33 -7.94 -4.57
N THR A 58 -14.80 -8.09 -5.78
CA THR A 58 -13.43 -7.71 -6.07
C THR A 58 -13.32 -6.62 -7.10
N LYS A 59 -12.20 -5.92 -7.02
CA LYS A 59 -11.76 -5.01 -8.08
C LYS A 59 -10.27 -5.25 -8.26
N TYR A 60 -9.84 -5.46 -9.49
CA TYR A 60 -8.42 -5.69 -9.80
C TYR A 60 -7.79 -4.58 -10.64
N ASN A 61 -6.50 -4.37 -10.43
CA ASN A 61 -5.63 -3.78 -11.43
C ASN A 61 -5.78 -4.67 -12.65
N GLU A 62 -6.12 -4.12 -13.82
CA GLU A 62 -6.35 -4.97 -15.00
C GLU A 62 -5.16 -5.86 -15.35
N LYS A 63 -3.95 -5.40 -15.03
CA LYS A 63 -2.73 -6.20 -15.20
C LYS A 63 -2.76 -7.54 -14.46
N PHE A 64 -3.54 -7.63 -13.38
CA PHE A 64 -3.61 -8.83 -12.56
C PHE A 64 -4.93 -9.59 -12.68
N LYS A 65 -5.82 -9.14 -13.55
CA LYS A 65 -7.11 -9.82 -13.70
C LYS A 65 -6.98 -11.33 -14.01
N SER A 66 -6.06 -11.67 -14.88
CA SER A 66 -5.87 -13.04 -15.28
C SER A 66 -4.78 -13.76 -14.47
N LYS A 67 -4.33 -13.13 -13.38
CA LYS A 67 -3.25 -13.69 -12.56
C LYS A 67 -3.69 -14.01 -11.11
N ALA A 68 -4.39 -13.05 -10.49
CA ALA A 68 -4.74 -13.12 -9.09
C ALA A 68 -6.22 -13.43 -8.89
N THR A 69 -6.49 -14.18 -7.82
CA THR A 69 -7.85 -14.48 -7.39
C THR A 69 -7.94 -14.17 -5.90
N LEU A 70 -8.75 -13.18 -5.55
CA LEU A 70 -8.96 -12.81 -4.16
C LEU A 70 -10.23 -13.40 -3.65
N THR A 71 -10.16 -14.00 -2.48
CA THR A 71 -11.33 -14.51 -1.76
C THR A 71 -11.22 -14.18 -0.30
N VAL A 72 -12.31 -14.38 0.43
CA VAL A 72 -12.28 -14.38 1.87
C VAL A 72 -13.05 -15.55 2.38
N ASP A 73 -12.77 -15.89 3.63
CA ASP A 73 -13.61 -16.77 4.42
C ASP A 73 -14.01 -16.00 5.66
N LYS A 74 -15.28 -15.60 5.74
CA LYS A 74 -15.74 -14.78 6.83
C LYS A 74 -15.65 -15.46 8.19
N PRO A 75 -16.09 -16.71 8.33
CA PRO A 75 -16.02 -17.33 9.66
C PRO A 75 -14.65 -17.43 10.29
N SER A 76 -13.60 -17.55 9.48
CA SER A 76 -12.23 -17.59 9.97
C SER A 76 -11.48 -16.26 9.83
N SER A 77 -12.20 -15.21 9.45
CA SER A 77 -11.65 -13.86 9.37
C SER A 77 -10.37 -13.85 8.53
N THR A 78 -10.36 -14.58 7.40
CA THR A 78 -9.13 -14.71 6.60
C THR A 78 -9.38 -14.31 5.17
N ALA A 79 -8.42 -13.53 4.63
CA ALA A 79 -8.39 -13.17 3.24
C ALA A 79 -7.34 -14.01 2.53
N TYR A 80 -7.62 -14.38 1.29
CA TYR A 80 -6.69 -15.18 0.49
C TYR A 80 -6.41 -14.51 -0.86
N MET A 81 -5.22 -14.80 -1.36
CA MET A 81 -4.86 -14.38 -2.72
C MET A 81 -4.16 -15.56 -3.40
N GLN A 82 -4.75 -16.06 -4.46
CA GLN A 82 -4.14 -17.09 -5.29
C GLN A 82 -3.49 -16.40 -6.46
N LEU A 83 -2.30 -16.87 -6.80
CA LEU A 83 -1.59 -16.42 -8.00
C LEU A 83 -1.34 -17.62 -8.87
N SER A 84 -1.77 -17.52 -10.13
CA SER A 84 -1.84 -18.63 -11.10
C SER A 84 -0.76 -18.51 -12.16
N SER A 85 -0.47 -19.64 -12.81
CA SER A 85 0.41 -19.69 -13.98
C SER A 85 1.70 -18.88 -13.74
N LEU A 86 2.41 -19.28 -12.71
CA LEU A 86 3.46 -18.43 -12.16
C LEU A 86 4.67 -18.31 -13.07
N THR A 87 5.25 -17.13 -13.12
CA THR A 87 6.55 -16.89 -13.79
C THR A 87 7.48 -16.15 -12.89
N SER A 88 8.72 -15.92 -13.32
CA SER A 88 9.68 -15.19 -12.50
C SER A 88 9.26 -13.76 -12.27
N GLU A 89 8.43 -13.20 -13.15
CA GLU A 89 7.90 -11.85 -12.97
C GLU A 89 7.01 -11.77 -11.73
N ASP A 90 6.55 -12.92 -11.25
CA ASP A 90 5.70 -12.99 -10.04
C ASP A 90 6.50 -13.00 -8.73
N SER A 91 7.82 -13.13 -8.82
CA SER A 91 8.64 -13.15 -7.62
C SER A 91 8.62 -11.76 -7.02
N ALA A 92 8.24 -11.67 -5.75
CA ALA A 92 7.99 -10.41 -5.06
C ALA A 92 7.62 -10.65 -3.60
N VAL A 93 7.54 -9.60 -2.81
CA VAL A 93 6.93 -9.67 -1.48
C VAL A 93 5.50 -9.17 -1.67
N TYR A 94 4.55 -9.93 -1.15
CA TYR A 94 3.12 -9.58 -1.26
C TYR A 94 2.59 -9.20 0.12
N TYR A 95 1.76 -8.17 0.17
CA TYR A 95 1.16 -7.66 1.39
C TYR A 95 -0.35 -7.57 1.29
N CYS A 96 -1.00 -7.76 2.43
CA CYS A 96 -2.39 -7.36 2.60
C CYS A 96 -2.43 -6.14 3.53
N ALA A 97 -3.43 -5.32 3.31
CA ALA A 97 -3.61 -4.07 4.05
C ALA A 97 -5.10 -3.72 4.09
N ARG A 98 -5.61 -3.31 5.23
CA ARG A 98 -7.04 -3.02 5.35
C ARG A 98 -7.33 -1.54 5.12
N MET A 99 -8.57 -1.27 4.76
CA MET A 99 -9.04 0.10 4.61
C MET A 99 -10.52 0.10 5.00
N TRP A 100 -10.97 1.08 5.77
CA TRP A 100 -12.35 1.04 6.25
C TRP A 100 -13.37 1.19 5.13
N TYR A 101 -14.49 0.49 5.28
CA TYR A 101 -15.57 0.60 4.32
C TYR A 101 -16.32 1.91 4.45
N TYR A 102 -16.26 2.53 5.62
CA TYR A 102 -17.16 3.65 5.97
C TYR A 102 -16.54 5.05 5.89
N GLY A 103 -15.70 5.27 4.89
CA GLY A 103 -15.41 6.62 4.44
C GLY A 103 -14.22 7.29 5.07
N THR A 104 -13.29 6.49 5.58
CA THR A 104 -11.93 6.93 5.70
C THR A 104 -11.19 6.18 4.59
N TYR A 105 -10.07 6.75 4.19
CA TYR A 105 -9.43 6.42 2.96
C TYR A 105 -7.94 6.21 3.20
N TYR A 106 -7.57 6.10 4.48
CA TYR A 106 -6.20 5.80 4.82
C TYR A 106 -6.08 4.30 5.01
N PHE A 107 -4.92 3.78 4.66
CA PHE A 107 -4.52 2.50 5.16
C PHE A 107 -4.16 2.79 6.63
N ASP A 108 -4.18 1.77 7.44
CA ASP A 108 -3.54 1.90 8.74
C ASP A 108 -2.65 0.66 8.96
N TYR A 109 -3.27 -0.50 9.14
CA TYR A 109 -2.58 -1.75 9.48
C TYR A 109 -2.30 -2.57 8.20
N TRP A 110 -1.06 -2.98 8.10
CA TRP A 110 -0.55 -3.86 7.07
C TRP A 110 -0.07 -5.18 7.66
N GLY A 111 -0.18 -6.23 6.88
CA GLY A 111 0.48 -7.49 7.19
C GLY A 111 1.99 -7.32 7.03
N GLN A 112 2.72 -8.32 7.49
CA GLN A 112 4.19 -8.26 7.46
C GLN A 112 4.77 -8.72 6.13
N GLY A 113 3.92 -9.17 5.21
CA GLY A 113 4.35 -9.60 3.89
C GLY A 113 4.68 -11.07 3.83
N THR A 114 4.50 -11.65 2.64
CA THR A 114 4.88 -13.02 2.34
C THR A 114 5.76 -12.97 1.11
N THR A 115 6.96 -13.52 1.15
CA THR A 115 7.78 -13.64 -0.05
C THR A 115 7.34 -14.78 -0.94
N LEU A 116 7.27 -14.51 -2.24
CA LEU A 116 7.11 -15.53 -3.26
C LEU A 116 8.31 -15.45 -4.19
N THR A 117 8.94 -16.60 -4.41
CA THR A 117 9.99 -16.73 -5.41
C THR A 117 9.60 -17.81 -6.39
N VAL A 118 9.62 -17.46 -7.67
CA VAL A 118 9.32 -18.40 -8.75
C VAL A 118 10.62 -18.59 -9.54
N SER A 119 11.12 -19.82 -9.51
CA SER A 119 12.42 -20.10 -10.12
C SER A 119 12.52 -21.55 -10.58
N SER A 120 13.24 -21.76 -11.68
CA SER A 120 13.54 -23.10 -12.23
C SER A 120 12.37 -24.10 -12.19
N GLN B 1 -2.15 2.85 -18.22
CA GLN B 1 -2.81 3.40 -17.00
C GLN B 1 -2.08 4.68 -16.58
N ALA B 2 -2.64 5.40 -15.62
CA ALA B 2 -1.98 6.56 -15.03
C ALA B 2 -0.65 6.19 -14.43
N VAL B 3 0.28 7.14 -14.51
CA VAL B 3 1.60 7.00 -13.92
C VAL B 3 1.66 8.03 -12.82
N VAL B 4 1.94 7.57 -11.62
CA VAL B 4 2.07 8.42 -10.45
C VAL B 4 3.53 8.51 -10.09
N THR B 5 4.07 9.73 -10.05
CA THR B 5 5.50 9.97 -9.87
C THR B 5 5.82 10.72 -8.60
N GLN B 6 6.84 10.23 -7.89
CA GLN B 6 7.38 10.87 -6.71
C GLN B 6 8.89 11.08 -6.88
N GLU B 7 9.43 12.05 -6.14
CA GLU B 7 10.88 12.22 -6.06
C GLU B 7 11.50 10.87 -5.66
N SER B 8 12.56 10.44 -6.33
CA SER B 8 13.19 9.16 -5.97
C SER B 8 13.80 9.22 -4.58
N ALA B 9 14.44 10.35 -4.26
CA ALA B 9 15.12 10.48 -2.99
C ALA B 9 15.16 11.94 -2.56
N LEU B 10 15.01 12.15 -1.27
CA LEU B 10 15.18 13.47 -0.66
C LEU B 10 16.02 13.35 0.60
N THR B 11 16.88 14.33 0.83
CA THR B 11 17.66 14.38 2.04
C THR B 11 17.24 15.64 2.82
N THR B 12 17.05 15.47 4.10
CA THR B 12 16.76 16.59 4.98
C THR B 12 17.63 16.49 6.22
N SER B 13 17.60 17.55 7.01
CA SER B 13 18.29 17.52 8.28
C SER B 13 17.26 17.51 9.38
N PRO B 14 17.68 17.03 10.55
CA PRO B 14 16.78 16.97 11.68
C PRO B 14 16.17 18.34 11.97
N GLY B 15 14.86 18.34 12.19
CA GLY B 15 14.14 19.50 12.64
C GLY B 15 13.56 20.36 11.52
N GLU B 16 13.92 20.06 10.28
CA GLU B 16 13.45 20.81 9.14
C GLU B 16 12.01 20.42 8.79
N THR B 17 11.33 21.31 8.09
CA THR B 17 10.03 21.02 7.53
C THR B 17 10.25 20.66 6.08
N VAL B 18 9.87 19.45 5.69
CA VAL B 18 10.14 18.92 4.34
C VAL B 18 8.82 18.44 3.74
N THR B 19 8.67 18.65 2.44
CA THR B 19 7.46 18.26 1.72
C THR B 19 7.82 17.30 0.58
N LEU B 20 7.15 16.15 0.55
CA LEU B 20 7.25 15.15 -0.50
C LEU B 20 6.02 15.31 -1.39
N THR B 21 6.19 15.15 -2.69
CA THR B 21 5.09 15.33 -3.62
C THR B 21 4.78 14.11 -4.46
N CYS B 22 3.61 14.20 -5.09
CA CYS B 22 3.01 13.08 -5.81
C CYS B 22 2.25 13.65 -6.97
N ARG B 23 2.74 13.40 -8.18
CA ARG B 23 2.12 13.93 -9.39
C ARG B 23 1.50 12.81 -10.23
N SER B 24 0.59 13.21 -11.12
CA SER B 24 -0.07 12.28 -12.01
C SER B 24 0.15 12.69 -13.44
N SER B 25 0.37 11.69 -14.27
CA SER B 25 0.45 11.89 -15.72
C SER B 25 -0.88 12.39 -16.30
N THR B 26 -1.98 12.21 -15.59
CA THR B 26 -3.30 12.59 -16.11
C THR B 26 -3.52 14.09 -16.10
N GLY B 27 -2.76 14.82 -15.28
CA GLY B 27 -3.04 16.21 -15.01
C GLY B 27 -3.08 16.47 -13.52
N ALA B 28 -3.91 17.40 -13.09
CA ALA B 28 -3.92 17.79 -11.70
C ALA B 28 -4.43 16.67 -10.80
N VAL B 29 -3.73 16.47 -9.68
CA VAL B 29 -4.25 15.64 -8.60
C VAL B 29 -5.23 16.53 -7.84
N THR B 30 -6.42 16.00 -7.63
CA THR B 30 -7.50 16.71 -6.97
C THR B 30 -8.02 15.92 -5.79
N THR B 31 -8.91 16.49 -5.01
CA THR B 31 -9.46 15.75 -3.87
C THR B 31 -10.22 14.52 -4.34
N SER B 32 -10.75 14.54 -5.56
CA SER B 32 -11.43 13.37 -6.13
C SER B 32 -10.54 12.15 -6.30
N ASN B 33 -9.22 12.32 -6.22
CA ASN B 33 -8.28 11.19 -6.21
C ASN B 33 -8.07 10.55 -4.82
N TYR B 34 -8.53 11.18 -3.76
CA TYR B 34 -8.43 10.62 -2.40
C TYR B 34 -7.02 10.15 -2.05
N ALA B 35 -6.04 11.00 -2.34
CA ALA B 35 -4.64 10.65 -2.14
C ALA B 35 -4.36 10.06 -0.78
N ASN B 36 -3.59 8.99 -0.75
CA ASN B 36 -3.13 8.47 0.51
C ASN B 36 -1.63 8.26 0.53
N TRP B 37 -1.11 8.23 1.73
CA TRP B 37 0.31 8.09 1.96
C TRP B 37 0.58 6.99 2.96
N VAL B 38 1.60 6.20 2.64
CA VAL B 38 2.06 5.07 3.47
C VAL B 38 3.55 5.20 3.70
N GLN B 39 4.00 4.84 4.89
CA GLN B 39 5.42 4.85 5.27
C GLN B 39 5.92 3.43 5.36
N GLU B 40 7.06 3.15 4.73
CA GLU B 40 7.74 1.87 4.90
C GLU B 40 9.03 2.12 5.66
N LYS B 41 9.07 1.65 6.89
CA LYS B 41 10.31 1.74 7.69
C LYS B 41 11.10 0.44 7.52
N PRO B 42 12.40 0.46 7.88
CA PRO B 42 13.25 -0.72 7.76
C PRO B 42 12.63 -2.02 8.32
N ASP B 43 13.02 -3.12 7.68
CA ASP B 43 12.39 -4.42 7.85
C ASP B 43 10.98 -4.44 7.32
N HIS B 44 10.72 -3.74 6.21
CA HIS B 44 9.42 -3.83 5.51
C HIS B 44 8.22 -3.64 6.43
N LEU B 45 8.27 -2.61 7.26
CA LEU B 45 7.19 -2.30 8.18
C LEU B 45 6.41 -1.13 7.63
N PHE B 46 5.24 -1.43 7.05
CA PHE B 46 4.36 -0.44 6.48
C PHE B 46 3.32 0.07 7.48
N THR B 47 3.12 1.37 7.48
CA THR B 47 2.09 2.05 8.27
C THR B 47 1.35 3.06 7.39
N GLY B 48 0.02 3.09 7.44
CA GLY B 48 -0.71 4.16 6.78
C GLY B 48 -0.59 5.45 7.56
N LEU B 49 -0.41 6.58 6.86
CA LEU B 49 -0.25 7.88 7.46
C LEU B 49 -1.43 8.81 7.23
N ILE B 50 -1.80 8.94 5.95
CA ILE B 50 -2.78 9.91 5.50
C ILE B 50 -3.68 9.26 4.49
N GLY B 51 -4.96 9.63 4.54
CA GLY B 51 -5.92 9.28 3.51
C GLY B 51 -6.83 10.42 3.13
N GLY B 52 -7.49 10.31 1.99
CA GLY B 52 -8.43 11.34 1.55
C GLY B 52 -7.78 12.71 1.51
N THR B 53 -6.56 12.75 0.96
CA THR B 53 -5.74 13.97 0.85
C THR B 53 -5.12 14.43 2.16
N ASN B 54 -5.94 14.63 3.20
CA ASN B 54 -5.48 15.35 4.39
C ASN B 54 -5.90 14.80 5.74
N ASN B 55 -6.40 13.57 5.74
CA ASN B 55 -6.87 12.96 6.98
C ASN B 55 -5.80 12.04 7.54
N ARG B 56 -5.29 12.41 8.70
CA ARG B 56 -4.30 11.61 9.41
C ARG B 56 -4.92 10.41 10.10
N ALA B 57 -4.33 9.25 9.92
CA ALA B 57 -4.74 8.03 10.58
C ALA B 57 -4.52 8.17 12.09
N PRO B 58 -5.40 7.58 12.89
CA PRO B 58 -5.26 7.61 14.34
C PRO B 58 -3.88 7.19 14.79
N GLY B 59 -3.30 7.91 15.75
CA GLY B 59 -2.04 7.51 16.32
C GLY B 59 -0.80 7.89 15.52
N VAL B 60 -0.97 8.39 14.31
CA VAL B 60 0.17 8.90 13.52
C VAL B 60 0.66 10.21 14.15
N PRO B 61 1.97 10.43 14.28
CA PRO B 61 2.43 11.71 14.83
C PRO B 61 1.86 12.89 14.09
N ALA B 62 1.51 13.93 14.84
CA ALA B 62 0.87 15.08 14.29
C ALA B 62 1.78 15.88 13.32
N ARG B 63 3.08 15.62 13.38
CA ARG B 63 4.01 16.29 12.47
C ARG B 63 3.83 15.86 11.02
N PHE B 64 3.10 14.78 10.76
CA PHE B 64 2.73 14.43 9.39
C PHE B 64 1.41 15.08 8.98
N SER B 65 1.38 15.70 7.82
CA SER B 65 0.15 16.25 7.29
C SER B 65 0.12 16.11 5.77
N GLY B 66 -1.10 16.01 5.25
CA GLY B 66 -1.31 15.90 3.81
C GLY B 66 -2.05 17.09 3.28
N SER B 67 -1.75 17.45 2.05
CA SER B 67 -2.43 18.52 1.36
C SER B 67 -2.29 18.38 -0.17
N LEU B 68 -2.92 19.30 -0.89
CA LEU B 68 -2.60 19.52 -2.29
C LEU B 68 -1.77 20.78 -2.37
N ILE B 69 -0.71 20.72 -3.16
CA ILE B 69 0.15 21.88 -3.44
C ILE B 69 0.22 21.95 -4.96
N GLY B 70 -0.42 22.98 -5.51
CA GLY B 70 -0.54 23.10 -6.95
C GLY B 70 -1.34 21.92 -7.45
N ASN B 71 -0.78 21.22 -8.42
CA ASN B 71 -1.42 20.09 -9.07
C ASN B 71 -0.92 18.74 -8.52
N LYS B 72 -0.22 18.77 -7.39
CA LYS B 72 0.30 17.56 -6.76
C LYS B 72 -0.30 17.35 -5.38
N ALA B 73 -0.38 16.08 -5.00
CA ALA B 73 -0.58 15.76 -3.58
C ALA B 73 0.75 15.88 -2.85
N ALA B 74 0.68 16.17 -1.57
CA ALA B 74 1.87 16.47 -0.80
C ALA B 74 1.78 15.95 0.60
N LEU B 75 2.89 15.43 1.08
CA LEU B 75 3.05 15.02 2.48
C LEU B 75 4.07 15.93 3.10
N THR B 76 3.71 16.65 4.15
CA THR B 76 4.65 17.53 4.86
C THR B 76 4.99 16.92 6.18
N ILE B 77 6.29 16.89 6.47
CA ILE B 77 6.80 16.43 7.76
C ILE B 77 7.36 17.66 8.43
N THR B 78 6.68 18.10 9.49
CA THR B 78 7.03 19.35 10.17
C THR B 78 7.93 19.06 11.35
N GLY B 79 9.23 19.13 11.13
CA GLY B 79 10.24 18.84 12.14
C GLY B 79 10.71 17.41 12.03
N ALA B 80 11.46 17.12 10.98
CA ALA B 80 11.88 15.77 10.68
C ALA B 80 12.67 15.16 11.84
N GLN B 81 12.36 13.93 12.20
CA GLN B 81 13.06 13.19 13.25
C GLN B 81 13.93 12.10 12.61
N THR B 82 14.95 11.64 13.31
CA THR B 82 15.78 10.54 12.82
C THR B 82 14.95 9.36 12.34
N GLU B 83 13.93 9.02 13.11
CA GLU B 83 13.13 7.84 12.82
C GLU B 83 12.19 8.02 11.63
N ASP B 84 12.15 9.22 11.06
CA ASP B 84 11.35 9.44 9.85
C ASP B 84 12.07 9.03 8.59
N GLU B 85 13.33 8.62 8.70
CA GLU B 85 14.03 8.05 7.58
C GLU B 85 13.33 6.75 7.16
N ALA B 86 12.81 6.76 5.94
CA ALA B 86 11.84 5.75 5.51
C ALA B 86 11.56 5.98 4.04
N ILE B 87 10.83 5.07 3.42
CA ILE B 87 10.30 5.27 2.08
C ILE B 87 8.85 5.65 2.24
N TYR B 88 8.45 6.71 1.56
CA TYR B 88 7.07 7.19 1.59
C TYR B 88 6.44 6.98 0.23
N PHE B 89 5.34 6.23 0.21
CA PHE B 89 4.56 6.01 -1.00
C PHE B 89 3.26 6.77 -0.95
N CYS B 90 2.93 7.36 -2.08
CA CYS B 90 1.61 7.89 -2.29
C CYS B 90 0.83 6.99 -3.20
N ALA B 91 -0.49 7.13 -3.16
CA ALA B 91 -1.36 6.41 -4.05
C ALA B 91 -2.57 7.24 -4.36
N LEU B 92 -3.04 7.13 -5.60
CA LEU B 92 -4.17 7.92 -6.09
C LEU B 92 -5.22 6.98 -6.68
N TRP B 93 -6.47 7.34 -6.49
CA TRP B 93 -7.60 6.57 -7.02
C TRP B 93 -8.04 7.08 -8.39
N TYR B 94 -8.28 6.17 -9.30
CA TYR B 94 -8.90 6.47 -10.58
C TYR B 94 -9.91 5.37 -10.87
N SER B 95 -11.18 5.74 -11.04
CA SER B 95 -12.24 4.78 -11.36
C SER B 95 -12.23 3.56 -10.43
N ASN B 96 -12.11 3.81 -9.13
CA ASN B 96 -12.13 2.76 -8.12
C ASN B 96 -10.90 1.80 -8.23
N HIS B 97 -9.79 2.27 -8.78
CA HIS B 97 -8.56 1.50 -8.79
C HIS B 97 -7.41 2.42 -8.38
N LEU B 98 -6.66 1.89 -7.46
CA LEU B 98 -5.52 2.46 -6.82
C LEU B 98 -4.23 2.36 -7.60
N VAL B 99 -3.51 3.46 -7.69
CA VAL B 99 -2.24 3.42 -8.38
C VAL B 99 -1.21 4.04 -7.45
N PHE B 100 -0.18 3.28 -7.15
CA PHE B 100 0.92 3.76 -6.30
C PHE B 100 1.97 4.52 -7.10
N GLY B 101 2.45 5.58 -6.49
CA GLY B 101 3.67 6.22 -6.92
C GLY B 101 4.87 5.34 -6.63
N GLY B 102 6.04 5.72 -7.16
CA GLY B 102 7.22 4.90 -7.03
C GLY B 102 7.95 4.97 -5.70
N GLY B 103 7.51 5.87 -4.83
CA GLY B 103 8.08 6.03 -3.50
C GLY B 103 9.25 6.99 -3.45
N THR B 104 9.40 7.64 -2.30
CA THR B 104 10.50 8.58 -2.04
C THR B 104 11.23 8.09 -0.83
N LYS B 105 12.52 7.83 -0.98
CA LYS B 105 13.37 7.51 0.18
C LYS B 105 13.80 8.82 0.80
N LEU B 106 13.34 9.05 2.02
CA LEU B 106 13.76 10.18 2.83
C LEU B 106 14.91 9.78 3.73
N THR B 107 16.04 10.45 3.53
CA THR B 107 17.22 10.32 4.38
C THR B 107 17.22 11.52 5.32
N VAL B 108 17.39 11.30 6.61
CA VAL B 108 17.48 12.36 7.60
C VAL B 108 18.92 12.29 8.15
N LEU B 109 19.76 13.25 7.82
CA LEU B 109 21.16 13.08 8.20
C LEU B 109 21.45 13.61 9.62
N GLY B 110 21.37 12.70 10.59
CA GLY B 110 21.44 12.96 12.05
C GLY B 110 20.08 12.68 12.71
#